data_8C1H
#
_entry.id   8C1H
#
_cell.length_a   81.025
_cell.length_b   81.025
_cell.length_c   165.624
_cell.angle_alpha   90.000
_cell.angle_beta   90.000
_cell.angle_gamma   120.000
#
_symmetry.space_group_name_H-M   'P 61 2 2'
#
loop_
_entity.id
_entity.type
_entity.pdbx_description
1 polymer 'Aurora kinase A'
2 non-polymer 4-(4-chloranyl-3-pyrazin-2-yloxy-phenyl)-~{N}-(dimethylsulfamoyl)-7-methyl-1~{H}-indole-6-carboxamide
3 non-polymer "ADENOSINE-5'-DIPHOSPHATE"
4 non-polymer 'MAGNESIUM ION'
5 non-polymer '(1~{R},2~{R})-cyclohexane-1,2-dicarboxylic acid'
6 non-polymer 'SULFATE ION'
7 non-polymer 'DIMETHYL SULFOXIDE'
8 non-polymer 'ACETATE ION'
9 non-polymer 'CHLORIDE ION'
10 water water
#
_entity_poly.entity_id   1
_entity_poly.type   'polypeptide(L)'
_entity_poly.pdbx_seq_one_letter_code
;MGRQWALEDFEIGRPLGKGKFGNVYLAREKQSKFILALKVLFKAQLEKAGVEHQLRREVEIQSHLRHPNILRLYGYFHDA
TRVYLILEYAPLGTVYRELQKLSKFDEQRTATYITELANALSYCHSKRVIHRDIKPENLLLGSAGELKIADFGWSVHAPS
SRRTTLAGTLDYLPPEMIEGRMHDEKVDLWSLGVLCYEFLVGKPPFEANTYQETYKRISRVEFTFPDFVTEGARDLISRL
LKHNPSQRPMLREVLEHPWITANSS
;
_entity_poly.pdbx_strand_id   A
#
loop_
_chem_comp.id
_chem_comp.type
_chem_comp.name
_chem_comp.formula
ACT non-polymer 'ACETATE ION' 'C2 H3 O2 -1'
ADP non-polymer ADENOSINE-5'-DIPHOSPHATE 'C10 H15 N5 O10 P2'
CL non-polymer 'CHLORIDE ION' 'Cl -1'
DMS non-polymer 'DIMETHYL SULFOXIDE' 'C2 H6 O S'
MG non-polymer 'MAGNESIUM ION' 'Mg 2'
SO4 non-polymer 'SULFATE ION' 'O4 S -2'
T3U non-polymer 4-(4-chloranyl-3-pyrazin-2-yloxy-phenyl)-~{N}-(dimethylsulfamoyl)-7-methyl-1~{H}-indole-6-carboxamide 'C22 H20 Cl N5 O4 S'
T5L non-polymer '(1~{R},2~{R})-cyclohexane-1,2-dicarboxylic acid' 'C8 H12 O4'
#
# COMPACT_ATOMS: atom_id res chain seq x y z
N GLN A 4 -25.79 -8.46 -9.89
CA GLN A 4 -26.18 -7.09 -10.28
C GLN A 4 -25.37 -6.67 -11.52
N TRP A 5 -24.03 -6.57 -11.39
CA TRP A 5 -23.13 -6.22 -12.49
C TRP A 5 -22.71 -7.52 -13.19
N ALA A 6 -22.34 -7.43 -14.47
CA ALA A 6 -21.85 -8.53 -15.33
C ALA A 6 -20.82 -7.96 -16.33
N LEU A 7 -19.87 -8.79 -16.82
CA LEU A 7 -18.81 -8.36 -17.78
C LEU A 7 -19.37 -7.62 -19.02
N GLU A 8 -20.60 -7.98 -19.48
CA GLU A 8 -21.31 -7.36 -20.60
C GLU A 8 -21.66 -5.85 -20.34
N ASP A 9 -21.58 -5.39 -19.08
CA ASP A 9 -21.91 -3.98 -18.76
C ASP A 9 -20.71 -3.02 -18.94
N PHE A 10 -19.54 -3.55 -19.38
CA PHE A 10 -18.28 -2.84 -19.46
C PHE A 10 -17.54 -3.05 -20.75
N GLU A 11 -17.01 -1.94 -21.30
CA GLU A 11 -16.12 -2.00 -22.47
C GLU A 11 -14.71 -2.06 -21.87
N ILE A 12 -13.89 -3.01 -22.28
CA ILE A 12 -12.57 -3.21 -21.73
C ILE A 12 -11.48 -2.53 -22.56
N GLY A 13 -10.63 -1.74 -21.88
CA GLY A 13 -9.49 -1.05 -22.48
C GLY A 13 -8.19 -1.80 -22.33
N ARG A 14 -7.07 -1.07 -22.36
CA ARG A 14 -5.74 -1.68 -22.16
C ARG A 14 -5.53 -2.16 -20.70
N PRO A 15 -4.52 -3.04 -20.47
CA PRO A 15 -4.21 -3.42 -19.10
C PRO A 15 -3.59 -2.20 -18.39
N LEU A 16 -3.85 -2.09 -17.08
CA LEU A 16 -3.33 -1.04 -16.23
C LEU A 16 -2.15 -1.56 -15.46
N GLY A 17 -2.10 -2.86 -15.26
CA GLY A 17 -1.01 -3.54 -14.55
C GLY A 17 -1.24 -5.02 -14.34
N LYS A 18 -0.16 -5.80 -14.17
CA LYS A 18 -0.27 -7.25 -13.95
C LYS A 18 -0.50 -7.50 -12.46
N GLY A 19 -1.46 -8.35 -12.14
CA GLY A 19 -1.70 -8.75 -10.77
C GLY A 19 -1.07 -10.09 -10.47
N LYS A 20 -1.07 -10.48 -9.19
CA LYS A 20 -0.57 -11.78 -8.77
C LYS A 20 -1.52 -12.90 -9.24
N PHE A 21 -2.86 -12.64 -9.25
CA PHE A 21 -3.89 -13.61 -9.62
C PHE A 21 -4.73 -13.25 -10.87
N GLY A 22 -4.17 -12.40 -11.74
CA GLY A 22 -4.83 -11.96 -12.96
C GLY A 22 -4.26 -10.63 -13.43
N ASN A 23 -5.13 -9.72 -13.90
CA ASN A 23 -4.71 -8.42 -14.40
C ASN A 23 -5.76 -7.37 -14.10
N VAL A 24 -5.34 -6.09 -14.16
CA VAL A 24 -6.19 -4.93 -13.94
C VAL A 24 -6.33 -4.27 -15.30
N TYR A 25 -7.55 -3.95 -15.71
CA TYR A 25 -7.80 -3.36 -16.98
C TYR A 25 -8.51 -2.07 -16.81
N LEU A 26 -8.27 -1.16 -17.75
CA LEU A 26 -9.02 0.07 -17.83
C LEU A 26 -10.36 -0.36 -18.40
N ALA A 27 -11.47 0.25 -17.94
CA ALA A 27 -12.77 -0.16 -18.46
C ALA A 27 -13.77 0.98 -18.37
N ARG A 28 -14.89 0.88 -19.11
CA ARG A 28 -15.91 1.92 -19.06
C ARG A 28 -17.29 1.23 -18.96
N GLU A 29 -18.12 1.68 -18.01
CA GLU A 29 -19.45 1.17 -17.82
C GLU A 29 -20.29 1.74 -18.96
N LYS A 30 -20.85 0.82 -19.79
CA LYS A 30 -21.64 1.08 -20.99
C LYS A 30 -22.73 2.12 -20.87
N GLN A 31 -23.59 2.02 -19.84
CA GLN A 31 -24.70 2.96 -19.65
C GLN A 31 -24.28 4.37 -19.29
N SER A 32 -23.45 4.54 -18.22
CA SER A 32 -23.03 5.84 -17.64
C SER A 32 -21.77 6.43 -18.24
N LYS A 33 -20.97 5.61 -18.94
CA LYS A 33 -19.67 6.03 -19.49
C LYS A 33 -18.63 6.27 -18.34
N PHE A 34 -18.88 5.69 -17.14
CA PHE A 34 -18.00 5.81 -15.98
C PHE A 34 -16.70 5.05 -16.23
N ILE A 35 -15.53 5.75 -16.26
CA ILE A 35 -14.24 5.05 -16.44
C ILE A 35 -13.84 4.54 -15.07
N LEU A 36 -13.24 3.35 -15.02
CA LEU A 36 -12.93 2.66 -13.79
C LEU A 36 -11.86 1.63 -14.07
N ALA A 37 -11.31 1.03 -13.01
CA ALA A 37 -10.32 -0.03 -13.18
C ALA A 37 -10.96 -1.37 -12.78
N LEU A 38 -10.87 -2.39 -13.63
CA LEU A 38 -11.46 -3.69 -13.36
C LEU A 38 -10.37 -4.65 -12.98
N LYS A 39 -10.34 -5.04 -11.72
CA LYS A 39 -9.36 -6.01 -11.23
C LYS A 39 -9.99 -7.40 -11.43
N VAL A 40 -9.33 -8.22 -12.28
CA VAL A 40 -9.80 -9.53 -12.71
C VAL A 40 -8.90 -10.60 -12.18
N LEU A 41 -9.52 -11.51 -11.44
CA LEU A 41 -8.85 -12.62 -10.77
C LEU A 41 -9.38 -13.95 -11.26
N PHE A 42 -8.46 -14.87 -11.55
CA PHE A 42 -8.83 -16.21 -11.99
C PHE A 42 -9.22 -17.11 -10.79
N LYS A 43 -10.43 -17.73 -10.86
CA LYS A 43 -10.90 -18.59 -9.78
C LYS A 43 -9.97 -19.77 -9.52
N ALA A 44 -9.45 -20.37 -10.59
CA ALA A 44 -8.52 -21.53 -10.56
C ALA A 44 -7.23 -21.22 -9.84
N GLN A 45 -6.68 -20.03 -10.07
CA GLN A 45 -5.45 -19.56 -9.42
C GLN A 45 -5.61 -19.26 -7.94
N LEU A 46 -6.74 -18.63 -7.54
CA LEU A 46 -7.10 -18.32 -6.16
C LEU A 46 -7.24 -19.62 -5.32
N GLU A 47 -7.98 -20.62 -5.86
CA GLU A 47 -8.22 -21.93 -5.25
C GLU A 47 -6.90 -22.67 -5.05
N LYS A 48 -6.04 -22.69 -6.09
CA LYS A 48 -4.72 -23.31 -6.01
C LYS A 48 -3.85 -22.73 -4.86
N ALA A 49 -3.95 -21.42 -4.63
CA ALA A 49 -3.24 -20.67 -3.59
C ALA A 49 -3.96 -20.73 -2.26
N GLY A 50 -5.23 -21.13 -2.30
CA GLY A 50 -6.11 -21.17 -1.14
C GLY A 50 -6.32 -19.82 -0.48
N VAL A 51 -6.47 -18.75 -1.30
CA VAL A 51 -6.65 -17.34 -0.86
C VAL A 51 -8.08 -16.73 -1.12
N GLU A 52 -9.07 -17.57 -1.51
CA GLU A 52 -10.47 -17.21 -1.84
C GLU A 52 -11.14 -16.48 -0.68
N HIS A 53 -10.78 -16.86 0.56
CA HIS A 53 -11.21 -16.25 1.82
C HIS A 53 -10.61 -14.84 1.97
N GLN A 54 -9.27 -14.66 1.75
CA GLN A 54 -8.58 -13.38 1.84
C GLN A 54 -9.14 -12.37 0.80
N LEU A 55 -9.59 -12.86 -0.39
CA LEU A 55 -10.27 -12.08 -1.41
C LEU A 55 -11.61 -11.51 -0.89
N ARG A 56 -12.43 -12.30 -0.14
CA ARG A 56 -13.71 -11.81 0.45
C ARG A 56 -13.37 -10.71 1.46
N ARG A 57 -12.22 -10.87 2.13
CA ARG A 57 -11.63 -9.92 3.09
C ARG A 57 -11.27 -8.54 2.46
N GLU A 58 -10.46 -8.55 1.39
CA GLU A 58 -10.07 -7.39 0.54
C GLU A 58 -11.33 -6.62 0.14
N VAL A 59 -12.35 -7.32 -0.36
CA VAL A 59 -13.63 -6.77 -0.80
C VAL A 59 -14.41 -6.11 0.36
N GLU A 60 -14.69 -6.86 1.43
CA GLU A 60 -15.43 -6.41 2.63
C GLU A 60 -14.77 -5.20 3.28
N ILE A 61 -13.43 -5.25 3.47
CA ILE A 61 -12.67 -4.14 4.08
C ILE A 61 -12.68 -2.88 3.16
N GLN A 62 -12.22 -2.98 1.89
CA GLN A 62 -12.16 -1.84 0.96
C GLN A 62 -13.50 -1.18 0.64
N SER A 63 -14.56 -1.98 0.48
CA SER A 63 -15.88 -1.47 0.13
C SER A 63 -16.51 -0.60 1.22
N HIS A 64 -16.02 -0.72 2.46
CA HIS A 64 -16.55 0.05 3.58
C HIS A 64 -15.66 1.25 3.95
N LEU A 65 -14.51 1.46 3.23
CA LEU A 65 -13.64 2.62 3.49
C LEU A 65 -14.01 3.82 2.60
N ARG A 66 -14.19 4.99 3.23
CA ARG A 66 -14.50 6.24 2.51
C ARG A 66 -13.55 7.31 3.01
N HIS A 67 -12.54 7.61 2.21
CA HIS A 67 -11.50 8.59 2.52
C HIS A 67 -10.92 9.04 1.18
N PRO A 68 -10.61 10.35 1.00
CA PRO A 68 -10.05 10.80 -0.30
C PRO A 68 -8.67 10.23 -0.64
N ASN A 69 -7.91 9.71 0.35
CA ASN A 69 -6.59 9.09 0.10
C ASN A 69 -6.63 7.56 0.12
N ILE A 70 -7.84 7.00 -0.02
CA ILE A 70 -8.01 5.56 -0.10
C ILE A 70 -8.78 5.30 -1.36
N LEU A 71 -8.28 4.38 -2.19
CA LEU A 71 -8.90 3.98 -3.44
C LEU A 71 -10.24 3.30 -3.23
N ARG A 72 -11.30 3.80 -3.93
CA ARG A 72 -12.67 3.27 -3.79
C ARG A 72 -12.90 1.96 -4.51
N LEU A 73 -13.71 1.09 -3.91
N LEU A 73 -13.72 1.08 -3.92
CA LEU A 73 -14.15 -0.17 -4.49
CA LEU A 73 -14.15 -0.19 -4.47
C LEU A 73 -15.65 0.02 -4.56
C LEU A 73 -15.66 -0.04 -4.56
N TYR A 74 -16.18 0.16 -5.78
CA TYR A 74 -17.61 0.43 -6.03
C TYR A 74 -18.52 -0.80 -5.97
N GLY A 75 -17.96 -1.95 -6.26
CA GLY A 75 -18.68 -3.20 -6.27
C GLY A 75 -17.83 -4.30 -6.81
N TYR A 76 -18.45 -5.45 -7.10
CA TYR A 76 -17.77 -6.66 -7.54
C TYR A 76 -18.83 -7.62 -7.96
N PHE A 77 -18.41 -8.61 -8.69
CA PHE A 77 -19.22 -9.65 -9.30
C PHE A 77 -18.21 -10.69 -9.77
N HIS A 78 -18.74 -11.81 -10.24
CA HIS A 78 -17.96 -12.92 -10.75
C HIS A 78 -18.80 -13.70 -11.73
N ASP A 79 -18.11 -14.51 -12.53
CA ASP A 79 -18.67 -15.42 -13.50
C ASP A 79 -18.03 -16.81 -13.29
N ALA A 80 -18.36 -17.78 -14.14
CA ALA A 80 -17.85 -19.16 -14.09
C ALA A 80 -16.35 -19.32 -13.84
N THR A 81 -15.51 -18.40 -14.35
CA THR A 81 -14.05 -18.54 -14.23
C THR A 81 -13.26 -17.40 -13.53
N ARG A 82 -13.91 -16.24 -13.30
CA ARG A 82 -13.25 -15.06 -12.76
C ARG A 82 -14.05 -14.26 -11.75
N VAL A 83 -13.31 -13.55 -10.92
CA VAL A 83 -13.81 -12.59 -9.94
C VAL A 83 -13.34 -11.20 -10.45
N TYR A 84 -14.24 -10.21 -10.42
CA TYR A 84 -14.03 -8.84 -10.89
C TYR A 84 -14.36 -7.87 -9.81
N LEU A 85 -13.38 -7.03 -9.50
CA LEU A 85 -13.44 -5.95 -8.52
C LEU A 85 -13.50 -4.63 -9.34
N ILE A 86 -14.55 -3.82 -9.07
CA ILE A 86 -14.82 -2.55 -9.74
C ILE A 86 -14.19 -1.43 -8.92
N LEU A 87 -13.03 -0.98 -9.38
CA LEU A 87 -12.25 0.04 -8.68
C LEU A 87 -12.30 1.44 -9.27
N GLU A 88 -12.02 2.41 -8.45
CA GLU A 88 -11.85 3.78 -8.86
C GLU A 88 -10.52 3.79 -9.72
N TYR A 89 -10.54 4.44 -10.88
CA TYR A 89 -9.37 4.55 -11.77
C TYR A 89 -8.47 5.66 -11.25
N ALA A 90 -7.19 5.36 -11.09
CA ALA A 90 -6.22 6.34 -10.63
C ALA A 90 -5.43 6.73 -11.89
N PRO A 91 -5.78 7.90 -12.47
CA PRO A 91 -5.21 8.26 -13.78
C PRO A 91 -3.70 8.52 -13.86
N LEU A 92 -3.03 8.86 -12.74
CA LEU A 92 -1.60 9.19 -12.79
C LEU A 92 -0.68 8.02 -12.41
N GLY A 93 -1.24 6.82 -12.39
CA GLY A 93 -0.51 5.58 -12.12
C GLY A 93 -0.06 5.39 -10.70
N THR A 94 1.05 4.66 -10.54
CA THR A 94 1.66 4.29 -9.26
C THR A 94 2.77 5.21 -8.87
N VAL A 95 3.05 5.27 -7.57
CA VAL A 95 4.16 6.02 -7.01
C VAL A 95 5.46 5.27 -7.43
N TYR A 96 5.36 3.96 -7.66
CA TYR A 96 6.43 3.08 -8.14
C TYR A 96 7.01 3.60 -9.47
N ARG A 97 6.14 3.84 -10.46
CA ARG A 97 6.55 4.34 -11.77
C ARG A 97 7.18 5.77 -11.66
N GLU A 98 6.57 6.66 -10.85
CA GLU A 98 7.08 8.00 -10.59
C GLU A 98 8.49 7.97 -9.99
N LEU A 99 8.75 7.02 -9.09
CA LEU A 99 10.04 6.87 -8.46
C LEU A 99 11.07 6.32 -9.44
N GLN A 100 10.62 5.49 -10.38
CA GLN A 100 11.50 4.91 -11.41
C GLN A 100 12.01 5.98 -12.38
N LYS A 101 11.18 6.98 -12.70
CA LYS A 101 11.56 8.03 -13.64
C LYS A 101 12.29 9.23 -12.99
N LEU A 102 11.98 9.53 -11.72
CA LEU A 102 12.54 10.67 -10.98
C LEU A 102 13.75 10.25 -10.15
N SER A 103 14.00 8.93 -9.98
CA SER A 103 15.03 8.32 -9.14
C SER A 103 14.79 8.52 -7.63
N LYS A 104 14.50 9.75 -7.19
CA LYS A 104 14.27 10.12 -5.79
C LYS A 104 13.27 11.28 -5.80
N PHE A 105 12.63 11.53 -4.69
CA PHE A 105 11.74 12.66 -4.52
C PHE A 105 12.43 13.64 -3.58
N ASP A 106 12.16 14.95 -3.78
CA ASP A 106 12.72 15.93 -2.85
C ASP A 106 11.96 15.79 -1.52
N GLU A 107 12.37 16.52 -0.51
CA GLU A 107 11.76 16.45 0.82
C GLU A 107 10.32 16.94 0.88
N GLN A 108 9.93 17.83 -0.04
CA GLN A 108 8.57 18.42 -0.02
C GLN A 108 7.56 17.43 -0.57
N ARG A 109 7.91 16.73 -1.67
CA ARG A 109 7.04 15.73 -2.28
C ARG A 109 6.93 14.56 -1.30
N THR A 110 8.08 14.14 -0.72
CA THR A 110 8.12 13.06 0.27
C THR A 110 7.22 13.34 1.44
N ALA A 111 7.41 14.47 2.12
CA ALA A 111 6.61 14.81 3.30
C ALA A 111 5.12 14.92 2.98
N THR A 112 4.77 15.36 1.76
CA THR A 112 3.35 15.48 1.34
C THR A 112 2.68 14.07 1.24
N TYR A 113 3.39 13.12 0.61
CA TYR A 113 2.97 11.74 0.43
C TYR A 113 2.81 11.06 1.80
N ILE A 114 3.79 11.29 2.71
CA ILE A 114 3.78 10.76 4.08
C ILE A 114 2.57 11.30 4.87
N THR A 115 2.23 12.58 4.68
CA THR A 115 1.06 13.19 5.31
C THR A 115 -0.23 12.51 4.78
N GLU A 116 -0.33 12.34 3.44
CA GLU A 116 -1.46 11.71 2.75
C GLU A 116 -1.67 10.27 3.23
N LEU A 117 -0.57 9.45 3.27
CA LEU A 117 -0.52 8.09 3.77
C LEU A 117 -0.98 8.04 5.22
N ALA A 118 -0.36 8.85 6.12
CA ALA A 118 -0.66 8.93 7.56
C ALA A 118 -2.12 9.23 7.83
N ASN A 119 -2.74 10.11 7.05
CA ASN A 119 -4.15 10.45 7.19
C ASN A 119 -5.04 9.27 6.77
N ALA A 120 -4.66 8.58 5.67
CA ALA A 120 -5.38 7.40 5.19
C ALA A 120 -5.27 6.25 6.19
N LEU A 121 -4.06 6.02 6.71
CA LEU A 121 -3.78 4.99 7.67
C LEU A 121 -4.44 5.29 9.00
N SER A 122 -4.54 6.57 9.36
CA SER A 122 -5.20 6.96 10.61
C SER A 122 -6.65 6.55 10.56
N TYR A 123 -7.30 6.74 9.40
CA TYR A 123 -8.68 6.37 9.15
C TYR A 123 -8.86 4.86 9.23
N CYS A 124 -7.91 4.08 8.63
CA CYS A 124 -7.94 2.63 8.60
C CYS A 124 -7.84 2.07 9.99
N HIS A 125 -6.82 2.53 10.73
CA HIS A 125 -6.53 2.08 12.08
C HIS A 125 -7.66 2.39 13.06
N SER A 126 -8.48 3.43 12.78
CA SER A 126 -9.63 3.81 13.60
C SER A 126 -10.74 2.76 13.51
N LYS A 127 -10.68 1.90 12.48
CA LYS A 127 -11.63 0.81 12.19
C LYS A 127 -10.94 -0.53 12.46
N ARG A 128 -9.74 -0.47 13.07
CA ARG A 128 -8.86 -1.58 13.42
C ARG A 128 -8.38 -2.32 12.16
N VAL A 129 -8.37 -1.62 11.02
CA VAL A 129 -7.93 -2.19 9.75
C VAL A 129 -6.41 -2.07 9.60
N ILE A 130 -5.75 -3.17 9.29
CA ILE A 130 -4.31 -3.18 9.00
C ILE A 130 -4.18 -3.40 7.49
N HIS A 131 -3.53 -2.49 6.78
CA HIS A 131 -3.35 -2.67 5.35
C HIS A 131 -2.37 -3.83 5.05
N ARG A 132 -1.19 -3.84 5.68
CA ARG A 132 -0.11 -4.86 5.61
C ARG A 132 0.63 -5.00 4.25
N ASP A 133 0.19 -4.30 3.20
CA ASP A 133 0.91 -4.36 1.93
C ASP A 133 1.16 -2.96 1.33
N ILE A 134 1.58 -2.04 2.19
CA ILE A 134 1.88 -0.65 1.88
C ILE A 134 3.24 -0.62 1.18
N LYS A 135 3.22 -0.36 -0.11
CA LYS A 135 4.45 -0.33 -0.95
C LYS A 135 4.21 0.53 -2.21
N PRO A 136 5.25 1.07 -2.90
CA PRO A 136 4.98 2.01 -4.01
C PRO A 136 4.02 1.51 -5.10
N GLU A 137 4.12 0.23 -5.51
CA GLU A 137 3.20 -0.31 -6.51
C GLU A 137 1.72 -0.37 -6.05
N ASN A 138 1.47 -0.22 -4.76
CA ASN A 138 0.08 -0.21 -4.27
C ASN A 138 -0.37 1.16 -3.88
N LEU A 139 0.46 2.18 -4.16
CA LEU A 139 0.22 3.61 -3.89
C LEU A 139 -0.04 4.26 -5.21
N LEU A 140 -1.30 4.59 -5.45
CA LEU A 140 -1.73 5.13 -6.72
C LEU A 140 -1.93 6.64 -6.70
N LEU A 141 -2.05 7.30 -7.87
CA LEU A 141 -2.14 8.77 -7.93
C LEU A 141 -3.41 9.26 -8.61
N GLY A 142 -4.19 10.06 -7.91
CA GLY A 142 -5.41 10.64 -8.43
C GLY A 142 -5.16 11.65 -9.54
N SER A 143 -6.24 12.33 -10.04
CA SER A 143 -6.12 13.31 -11.15
C SER A 143 -5.30 14.58 -10.78
N ALA A 144 -5.30 14.96 -9.49
CA ALA A 144 -4.58 16.10 -8.92
C ALA A 144 -3.18 15.67 -8.38
N GLY A 145 -2.78 14.42 -8.61
CA GLY A 145 -1.52 13.87 -8.10
C GLY A 145 -1.59 13.47 -6.63
N GLU A 146 -2.82 13.38 -6.04
CA GLU A 146 -3.01 13.01 -4.64
C GLU A 146 -2.84 11.49 -4.50
N LEU A 147 -2.14 11.05 -3.44
CA LEU A 147 -1.85 9.65 -3.15
C LEU A 147 -3.10 8.96 -2.70
N LYS A 148 -3.31 7.76 -3.24
CA LYS A 148 -4.43 6.87 -2.93
C LYS A 148 -3.91 5.48 -2.56
N ILE A 149 -4.21 5.06 -1.32
CA ILE A 149 -3.84 3.73 -0.81
C ILE A 149 -4.71 2.71 -1.51
N ALA A 150 -4.07 1.74 -2.14
CA ALA A 150 -4.75 0.70 -2.88
C ALA A 150 -4.23 -0.72 -2.58
N ASP A 151 -4.96 -1.72 -3.10
CA ASP A 151 -4.62 -3.13 -2.98
C ASP A 151 -4.76 -3.58 -1.54
N PHE A 152 -6.02 -3.86 -1.15
CA PHE A 152 -6.37 -4.30 0.18
C PHE A 152 -6.36 -5.82 0.24
N GLY A 153 -5.62 -6.39 -0.72
CA GLY A 153 -5.41 -7.81 -0.94
C GLY A 153 -5.04 -8.59 0.30
N TRP A 154 -4.12 -8.04 1.14
CA TRP A 154 -3.62 -8.64 2.38
C TRP A 154 -4.14 -7.98 3.68
N SER A 155 -5.15 -7.14 3.54
CA SER A 155 -5.77 -6.38 4.63
C SER A 155 -6.45 -7.35 5.62
N VAL A 156 -6.37 -7.05 6.93
CA VAL A 156 -6.99 -7.84 8.01
C VAL A 156 -7.46 -6.86 9.08
N HIS A 157 -8.25 -7.35 10.04
CA HIS A 157 -8.60 -6.55 11.22
C HIS A 157 -7.59 -6.94 12.30
N ALA A 158 -7.12 -5.95 13.09
CA ALA A 158 -6.15 -6.11 14.18
C ALA A 158 -6.84 -6.55 15.50
N PRO A 159 -6.21 -7.43 16.33
CA PRO A 159 -4.90 -8.08 16.14
C PRO A 159 -5.00 -9.31 15.25
N SER A 160 -3.90 -9.65 14.60
CA SER A 160 -3.92 -10.80 13.73
C SER A 160 -2.63 -11.57 13.83
N SER A 161 -2.71 -12.86 13.57
CA SER A 161 -1.57 -13.77 13.56
C SER A 161 -1.45 -14.33 12.14
N ARG A 162 -2.51 -14.12 11.30
CA ARG A 162 -2.65 -14.54 9.91
C ARG A 162 -1.36 -14.39 9.14
N ARG A 163 -0.84 -15.49 8.57
CA ARG A 163 0.44 -15.50 7.87
C ARG A 163 0.29 -15.95 6.43
N GLY A 168 5.60 -11.39 -3.34
CA GLY A 168 6.76 -10.55 -3.66
C GLY A 168 7.80 -10.49 -2.56
N THR A 169 8.62 -9.40 -2.59
CA THR A 169 9.73 -9.16 -1.66
C THR A 169 9.29 -8.83 -0.25
N LEU A 170 10.18 -9.04 0.74
CA LEU A 170 9.93 -8.71 2.16
C LEU A 170 10.17 -7.23 2.49
N ASP A 171 10.68 -6.46 1.51
CA ASP A 171 11.12 -5.06 1.62
C ASP A 171 10.30 -4.18 2.52
N TYR A 172 8.94 -4.30 2.53
CA TYR A 172 8.11 -3.39 3.38
C TYR A 172 7.52 -4.03 4.64
N LEU A 173 7.89 -5.30 4.89
CA LEU A 173 7.38 -6.04 6.04
C LEU A 173 8.20 -5.89 7.34
N PRO A 174 7.52 -5.62 8.48
CA PRO A 174 8.23 -5.49 9.76
C PRO A 174 8.74 -6.84 10.30
N PRO A 175 9.63 -6.84 11.33
CA PRO A 175 10.12 -8.11 11.90
C PRO A 175 9.03 -9.07 12.40
N GLU A 176 7.98 -8.59 13.13
CA GLU A 176 6.89 -9.43 13.64
C GLU A 176 6.02 -10.11 12.58
N MET A 177 5.84 -9.50 11.38
CA MET A 177 5.06 -10.08 10.29
C MET A 177 5.89 -11.13 9.60
N ILE A 178 7.19 -10.90 9.56
CA ILE A 178 8.12 -11.92 9.11
C ILE A 178 8.22 -12.72 10.46
N GLU A 179 8.76 -13.96 10.51
CA GLU A 179 8.77 -14.76 11.75
C GLU A 179 7.38 -15.37 12.00
N GLY A 180 6.34 -14.72 11.49
CA GLY A 180 4.96 -15.18 11.60
C GLY A 180 4.34 -14.98 12.97
N ARG A 181 4.71 -13.90 13.66
CA ARG A 181 4.19 -13.61 15.00
C ARG A 181 2.91 -12.78 14.96
N MET A 182 2.31 -12.55 16.14
CA MET A 182 1.10 -11.74 16.26
C MET A 182 1.47 -10.30 15.97
N HIS A 183 0.54 -9.54 15.38
CA HIS A 183 0.77 -8.16 15.02
C HIS A 183 -0.50 -7.30 15.04
N ASP A 184 -0.30 -5.98 14.98
CA ASP A 184 -1.38 -5.00 14.96
C ASP A 184 -1.07 -3.87 13.96
N GLU A 185 -1.74 -2.73 14.15
CA GLU A 185 -1.69 -1.52 13.37
C GLU A 185 -0.29 -0.93 13.22
N LYS A 186 0.61 -1.26 14.14
CA LYS A 186 2.02 -0.84 14.15
C LYS A 186 2.82 -1.35 12.96
N VAL A 187 2.35 -2.41 12.28
CA VAL A 187 3.03 -2.89 11.07
C VAL A 187 3.02 -1.81 9.97
N ASP A 188 1.94 -0.98 9.91
CA ASP A 188 1.83 0.03 8.87
C ASP A 188 2.76 1.23 9.17
N LEU A 189 3.06 1.47 10.47
CA LEU A 189 3.97 2.52 10.90
C LEU A 189 5.39 2.16 10.46
N TRP A 190 5.78 0.87 10.54
CA TRP A 190 7.08 0.39 10.07
C TRP A 190 7.16 0.64 8.57
N SER A 191 6.08 0.23 7.85
CA SER A 191 5.97 0.35 6.40
C SER A 191 6.10 1.78 5.94
N LEU A 192 5.43 2.69 6.66
CA LEU A 192 5.53 4.13 6.47
C LEU A 192 7.00 4.63 6.52
N GLY A 193 7.80 4.08 7.45
CA GLY A 193 9.22 4.41 7.58
C GLY A 193 10.06 3.91 6.43
N VAL A 194 9.77 2.69 5.96
CA VAL A 194 10.43 2.09 4.80
C VAL A 194 10.15 2.95 3.55
N LEU A 195 8.91 3.49 3.46
CA LEU A 195 8.46 4.33 2.34
C LEU A 195 9.15 5.69 2.32
N CYS A 196 9.18 6.37 3.48
CA CYS A 196 9.87 7.64 3.65
C CYS A 196 11.35 7.49 3.23
N TYR A 197 12.02 6.44 3.66
CA TYR A 197 13.42 6.18 3.29
C TYR A 197 13.51 6.05 1.79
N GLU A 198 12.74 5.10 1.19
CA GLU A 198 12.75 4.84 -0.26
C GLU A 198 12.48 6.08 -1.13
N PHE A 199 11.48 6.89 -0.72
CA PHE A 199 11.13 8.14 -1.41
C PHE A 199 12.34 9.08 -1.49
N LEU A 200 13.11 9.21 -0.40
CA LEU A 200 14.28 10.09 -0.34
C LEU A 200 15.56 9.49 -0.93
N VAL A 201 15.74 8.17 -0.82
CA VAL A 201 16.98 7.49 -1.20
C VAL A 201 16.90 6.86 -2.57
N GLY A 202 15.72 6.42 -2.98
CA GLY A 202 15.50 5.82 -4.28
C GLY A 202 15.37 4.32 -4.22
N LYS A 203 15.61 3.75 -3.03
CA LYS A 203 15.49 2.32 -2.83
C LYS A 203 15.16 2.05 -1.38
N PRO A 204 14.42 0.96 -1.05
CA PRO A 204 14.06 0.72 0.35
C PRO A 204 15.30 0.38 1.22
N PRO A 205 15.22 0.59 2.56
CA PRO A 205 16.43 0.45 3.40
C PRO A 205 17.01 -0.95 3.58
N PHE A 206 16.19 -2.01 3.36
CA PHE A 206 16.64 -3.38 3.55
C PHE A 206 16.76 -4.11 2.23
N GLU A 207 16.71 -3.38 1.14
CA GLU A 207 16.89 -3.97 -0.19
C GLU A 207 18.14 -4.83 -0.24
N ALA A 208 18.04 -5.94 -0.98
CA ALA A 208 19.08 -6.96 -1.16
C ALA A 208 18.78 -7.82 -2.36
N ASN A 209 19.79 -8.62 -2.74
CA ASN A 209 19.78 -9.56 -3.86
C ASN A 209 18.90 -10.75 -3.61
N THR A 210 18.76 -11.14 -2.34
CA THR A 210 18.01 -12.31 -1.96
C THR A 210 17.03 -11.95 -0.87
N TYR A 211 16.00 -12.80 -0.72
CA TYR A 211 14.92 -12.77 0.28
C TYR A 211 15.58 -13.02 1.63
N GLN A 212 16.66 -13.83 1.61
CA GLN A 212 17.39 -14.32 2.79
C GLN A 212 18.11 -13.16 3.48
N GLU A 213 18.97 -12.49 2.72
CA GLU A 213 19.69 -11.28 3.10
C GLU A 213 18.71 -10.16 3.57
N THR A 214 17.55 -9.90 2.87
CA THR A 214 16.55 -8.89 3.30
C THR A 214 15.98 -9.24 4.67
N TYR A 215 15.64 -10.51 4.88
CA TYR A 215 15.12 -11.06 6.16
C TYR A 215 16.11 -10.75 7.33
N LYS A 216 17.40 -11.00 7.07
CA LYS A 216 18.43 -10.75 8.09
C LYS A 216 18.47 -9.25 8.48
N ARG A 217 18.58 -8.35 7.46
CA ARG A 217 18.58 -6.87 7.63
C ARG A 217 17.33 -6.34 8.37
N ILE A 218 16.14 -6.90 8.09
CA ILE A 218 14.92 -6.46 8.78
C ILE A 218 15.01 -6.92 10.22
N SER A 219 15.38 -8.20 10.42
CA SER A 219 15.48 -8.82 11.74
C SER A 219 16.40 -8.01 12.69
N ARG A 220 17.59 -7.66 12.17
CA ARG A 220 18.64 -6.87 12.83
C ARG A 220 18.36 -5.37 12.87
N VAL A 221 17.42 -4.88 12.01
CA VAL A 221 17.13 -3.44 11.76
C VAL A 221 18.45 -2.83 11.25
N GLU A 222 19.14 -3.54 10.35
CA GLU A 222 20.40 -3.18 9.75
C GLU A 222 20.21 -2.31 8.49
N PHE A 223 20.39 -0.99 8.63
CA PHE A 223 20.37 -0.01 7.53
C PHE A 223 21.25 1.23 7.82
N THR A 224 21.64 1.92 6.75
CA THR A 224 22.42 3.17 6.82
C THR A 224 21.81 4.22 5.90
N PHE A 225 22.00 5.53 6.20
CA PHE A 225 21.49 6.60 5.35
C PHE A 225 22.58 7.17 4.50
N PRO A 226 22.31 7.52 3.21
CA PRO A 226 23.33 8.25 2.43
C PRO A 226 23.47 9.64 3.06
N ASP A 227 24.64 10.29 2.87
CA ASP A 227 24.94 11.59 3.48
C ASP A 227 23.92 12.71 3.17
N PHE A 228 23.29 12.70 1.96
CA PHE A 228 22.33 13.75 1.61
C PHE A 228 21.02 13.73 2.44
N VAL A 229 20.76 12.68 3.26
CA VAL A 229 19.55 12.59 4.08
C VAL A 229 19.68 13.54 5.28
N THR A 230 18.73 14.47 5.40
CA THR A 230 18.75 15.46 6.46
C THR A 230 18.47 14.87 7.83
N GLU A 231 18.86 15.62 8.89
CA GLU A 231 18.72 15.29 10.29
C GLU A 231 17.26 15.02 10.66
N GLY A 232 16.35 15.86 10.16
CA GLY A 232 14.91 15.73 10.39
C GLY A 232 14.32 14.47 9.76
N ALA A 233 14.84 14.09 8.57
CA ALA A 233 14.40 12.91 7.82
C ALA A 233 14.88 11.65 8.54
N ARG A 234 16.18 11.61 8.94
CA ARG A 234 16.81 10.53 9.73
C ARG A 234 16.06 10.32 11.07
N ASP A 235 15.60 11.40 11.70
CA ASP A 235 14.89 11.30 12.97
C ASP A 235 13.56 10.57 12.82
N LEU A 236 12.68 11.01 11.91
CA LEU A 236 11.39 10.39 11.63
C LEU A 236 11.54 8.92 11.21
N ILE A 237 12.47 8.60 10.26
CA ILE A 237 12.72 7.25 9.78
C ILE A 237 13.13 6.33 10.92
N SER A 238 14.14 6.76 11.70
CA SER A 238 14.67 6.03 12.86
C SER A 238 13.62 5.74 13.90
N ARG A 239 12.70 6.69 14.13
CA ARG A 239 11.57 6.53 15.03
C ARG A 239 10.58 5.47 14.55
N LEU A 240 10.35 5.39 13.22
CA LEU A 240 9.41 4.43 12.65
C LEU A 240 10.01 3.06 12.52
N LEU A 241 11.35 2.96 12.31
CA LEU A 241 11.96 1.67 12.10
C LEU A 241 12.48 0.99 13.38
N LYS A 242 11.57 0.85 14.38
CA LYS A 242 11.85 0.17 15.65
C LYS A 242 11.44 -1.28 15.56
N HIS A 243 12.37 -2.21 15.89
CA HIS A 243 12.09 -3.66 15.95
C HIS A 243 10.87 -3.90 16.87
N ASN A 244 10.76 -3.13 17.96
CA ASN A 244 9.64 -3.27 18.88
C ASN A 244 8.48 -2.46 18.41
N PRO A 245 7.37 -3.12 18.00
CA PRO A 245 6.19 -2.37 17.54
C PRO A 245 5.62 -1.35 18.52
N SER A 246 5.75 -1.59 19.84
CA SER A 246 5.27 -0.68 20.88
C SER A 246 6.04 0.67 20.90
N GLN A 247 7.32 0.63 20.50
N GLN A 247 7.32 0.63 20.48
CA GLN A 247 8.20 1.80 20.47
CA GLN A 247 8.23 1.78 20.44
C GLN A 247 7.94 2.75 19.30
C GLN A 247 7.92 2.76 19.30
N ARG A 248 7.30 2.25 18.20
CA ARG A 248 6.94 3.07 17.03
C ARG A 248 5.90 4.15 17.40
N PRO A 249 5.99 5.36 16.83
CA PRO A 249 5.03 6.41 17.23
C PRO A 249 3.62 6.23 16.71
N MET A 250 2.67 6.99 17.27
CA MET A 250 1.30 7.03 16.77
C MET A 250 1.33 7.84 15.48
N LEU A 251 0.28 7.77 14.64
CA LEU A 251 0.24 8.54 13.39
C LEU A 251 0.10 10.04 13.65
N ARG A 252 -0.55 10.43 14.77
CA ARG A 252 -0.71 11.82 15.23
C ARG A 252 0.69 12.47 15.40
N GLU A 253 1.64 11.69 15.97
CA GLU A 253 3.04 12.05 16.17
C GLU A 253 3.76 12.22 14.82
N VAL A 254 3.49 11.34 13.83
CA VAL A 254 4.08 11.44 12.49
C VAL A 254 3.61 12.78 11.84
N LEU A 255 2.29 13.06 11.91
CA LEU A 255 1.68 14.26 11.34
C LEU A 255 2.16 15.55 11.99
N GLU A 256 2.50 15.49 13.30
CA GLU A 256 3.00 16.63 14.07
C GLU A 256 4.53 16.71 14.09
N HIS A 257 5.26 15.73 13.48
CA HIS A 257 6.73 15.73 13.46
C HIS A 257 7.24 16.98 12.75
N PRO A 258 8.27 17.67 13.34
CA PRO A 258 8.73 18.95 12.77
C PRO A 258 9.13 18.89 11.29
N TRP A 259 9.77 17.80 10.87
CA TRP A 259 10.19 17.64 9.47
C TRP A 259 8.99 17.55 8.51
N ILE A 260 7.92 16.90 8.94
CA ILE A 260 6.68 16.78 8.18
C ILE A 260 6.03 18.16 8.10
N THR A 261 5.81 18.84 9.25
CA THR A 261 5.17 20.18 9.27
C THR A 261 5.96 21.21 8.47
N ALA A 262 7.30 21.14 8.50
CA ALA A 262 8.20 22.03 7.75
C ALA A 262 8.27 21.78 6.23
N ASN A 263 7.99 20.55 5.75
CA ASN A 263 8.11 20.26 4.32
C ASN A 263 6.80 19.91 3.63
N SER A 264 5.74 19.62 4.39
CA SER A 264 4.41 19.28 3.87
C SER A 264 3.50 20.51 3.98
N SER A 265 2.68 20.82 2.95
CA SER A 265 2.50 20.15 1.68
C SER A 265 2.61 21.16 0.53
C12 T3U B . -18.83 -13.21 -4.37
C13 T3U B . -20.87 -12.31 -4.83
N3 T3U B . -19.03 -11.68 -6.19
C3 T3U B . -16.96 -19.06 -6.39
C2 T3U B . -18.38 -19.49 -6.65
C1 T3U B . -20.30 -19.29 -11.02
C4 T3U B . -16.81 -17.82 -5.77
C5 T3U B . -15.53 -17.30 -5.53
C6 T3U B . -15.38 -15.88 -5.06
C7 T3U B . -14.52 -15.56 -4.01
N2 T3U B . -20.13 -13.12 -4.06
C10 T3U B . -16.13 -13.57 -5.10
O1 T3U B . -21.12 -19.31 -8.28
C9 T3U B . -15.26 -13.28 -4.05
O2 T3U B . -19.27 -19.33 -5.81
C8 T3U B . -14.46 -14.27 -3.51
N1 T3U B . -18.71 -19.82 -7.97
C11 T3U B . -18.29 -12.48 -5.43
O3 T3U B . -16.94 -12.56 -5.61
CL T3U B . -15.12 -11.63 -3.49
C14 T3U B . -20.33 -11.60 -5.88
C15 T3U B . -16.16 -14.87 -5.61
C16 T3U B . -14.41 -18.08 -5.85
C19 T3U B . -14.61 -19.33 -6.45
N4 T3U B . -13.37 -19.85 -6.72
C18 T3U B . -12.41 -18.97 -6.30
C17 T3U B . -12.99 -17.87 -5.75
C20 T3U B . -15.87 -19.86 -6.76
C21 T3U B . -15.98 -21.20 -7.47
S T3U B . -20.16 -20.33 -8.58
O T3U B . -20.34 -21.65 -8.06
N T3U B . -19.88 -20.41 -10.18
C T3U B . -18.66 -21.10 -10.62
PB ADP C . -2.26 -7.19 -6.96
O1B ADP C . -0.83 -6.69 -6.56
O2B ADP C . -2.08 -8.35 -7.88
O3B ADP C . -3.16 -7.50 -5.78
PA ADP C . -3.19 -4.46 -7.61
O1A ADP C . -2.15 -3.87 -6.65
O2A ADP C . -4.60 -4.21 -7.17
O3A ADP C . -2.96 -6.03 -7.81
O5' ADP C . -2.96 -3.96 -9.11
C5' ADP C . -1.86 -4.30 -9.97
C4' ADP C . -1.36 -3.03 -10.62
O4' ADP C . -2.32 -2.52 -11.57
C3' ADP C . -1.08 -1.86 -9.70
O3' ADP C . 0.09 -2.00 -8.93
C2' ADP C . -1.09 -0.71 -10.70
O2' ADP C . 0.08 -0.74 -11.52
C1' ADP C . -2.29 -1.10 -11.56
N9 ADP C . -3.55 -0.61 -11.00
C8 ADP C . -4.32 -1.28 -10.07
N7 ADP C . -5.42 -0.65 -9.75
C5 ADP C . -5.38 0.51 -10.50
C6 ADP C . -6.24 1.63 -10.59
N6 ADP C . -7.38 1.76 -9.91
N1 ADP C . -5.87 2.65 -11.40
C2 ADP C . -4.72 2.56 -12.06
N3 ADP C . -3.83 1.56 -12.07
C4 ADP C . -4.22 0.55 -11.27
MG MG D . -0.75 -4.81 -5.47
MG MG E . -2.59 -7.06 -3.91
C1 T5L F . -5.29 -11.29 -4.00
C2 T5L F . -4.29 -10.83 -2.92
C3 T5L F . -3.10 -10.10 -3.50
O1 T5L F . -4.79 -10.47 -6.16
O3 T5L F . -2.18 -10.66 -4.06
O2 T5L F . -3.21 -8.80 -3.32
C4 T5L F . -3.96 -12.00 -1.99
C5 T5L F . -5.22 -12.52 -1.30
C6 T5L F . -6.35 -12.86 -2.30
C7 T5L F . -6.60 -11.73 -3.31
C T5L F . -5.51 -10.25 -5.07
O T5L F . -6.25 -9.31 -4.92
S SO4 G . 21.72 -16.84 4.66
O1 SO4 G . 21.68 -17.78 3.55
O2 SO4 G . 22.86 -17.15 5.51
O3 SO4 G . 21.83 -15.48 4.09
O4 SO4 G . 20.47 -16.90 5.46
S SO4 H . 15.61 -1.26 17.37
O1 SO4 H . 16.54 -2.37 17.62
O2 SO4 H . 15.47 -1.09 15.93
O3 SO4 H . 16.11 -0.02 17.97
O4 SO4 H . 14.31 -1.57 17.97
S SO4 I . -10.59 -10.40 9.95
O1 SO4 I . -10.21 -9.18 9.23
O2 SO4 I . -9.45 -11.29 10.01
O3 SO4 I . -11.71 -11.05 9.27
O4 SO4 I . -10.99 -10.01 11.30
S SO4 J . -18.82 6.31 -27.65
O1 SO4 J . -19.27 6.40 -29.05
O2 SO4 J . -17.43 5.86 -27.63
O3 SO4 J . -18.94 7.62 -26.99
O4 SO4 J . -19.68 5.34 -26.96
S SO4 K . -15.07 -20.69 -2.30
O1 SO4 K . -14.78 -21.27 -3.62
O2 SO4 K . -14.58 -21.58 -1.24
O3 SO4 K . -14.41 -19.39 -2.18
O4 SO4 K . -16.52 -20.53 -2.14
S DMS L . -3.72 7.77 15.65
O DMS L . -2.33 7.30 15.63
C1 DMS L . -3.73 9.31 14.77
C2 DMS L . -4.55 6.74 14.48
S DMS M . -10.73 -9.74 -19.44
O DMS M . -9.55 -9.59 -20.33
C1 DMS M . -12.09 -9.76 -20.55
C2 DMS M . -10.65 -11.41 -18.95
C ACT N . 10.49 -7.35 20.23
O ACT N . 11.73 -7.17 20.21
OXT ACT N . 9.63 -6.47 20.52
CH3 ACT N . 10.00 -8.76 19.88
CL CL O . -23.73 -14.23 -5.95
CL CL P . -9.18 -17.56 6.88
#